data_9E32
#
_entry.id   9E32
#
_cell.length_a   68.185
_cell.length_b   73.396
_cell.length_c   112.788
_cell.angle_alpha   90.000
_cell.angle_beta   90.000
_cell.angle_gamma   90.000
#
_symmetry.space_group_name_H-M   'P 21 21 21'
#
loop_
_entity.id
_entity.type
_entity.pdbx_description
1 polymer 'Phosphoenolpyruvate carboxykinase [GTP]'
2 non-polymer 'MANGANESE (II) ION'
3 non-polymer DI(HYDROXYETHYL)ETHER
4 water water
#
_entity_poly.entity_id   1
_entity_poly.type   'polypeptide(L)'
_entity_poly.pdbx_seq_one_letter_code
;MNQPAMQGLNLNTPAYVKNAKLIAWVADMVALCKPDTVYWCDGSDAEYQRLCQQLVDAGTFKKLNEAKRPNSYLACSDPS
DVARVEDRTYICSAKEENAGPTNNWMEPSEMRATLQPLFDGCMRGRTMYVVPFSMGPLGSPIAHIGIELSDSPYVAVNMK
IMTRMGKAVFEVLGTEGDFVPCVHTVGAPLAEGEQDVTWPCNKTKYIVHYPETREIWSYGSGYGGNALLGKKCFALRIAS
NMGRDEGWLAEHMLILGVTNPEGKKYHVAAAFPSACGKTNFSMLVPPAGFDGWSVTTIGDDIAWIKPAADGKLYAINPEA
GYFGVAPGTNMLTNPNCMLSVRGNTIFTNVALTDDGDVWWEGMEQDAPGKALPDHLIDWQGKDWTPQIAKETGAKAAHPN
SRFTVAATNNPALDSAWDDPKGVAIDAFIFGGRRSTTVPLVTEARSWVEGVYMAATMGSETTAAATGQAGVVRRDPFAML
PFMGYNMSDYFQHWLDLGKKLAASGATLPKIYTTNWFRKGTDGKFVWPGYGENMRVLAWMIDRIEGKGQGEDHVTGISPS
YEDLNWTGLDFSADQFNTVTSIDKAAWLKELELHAELFKQLEHHLPKELGETKAEIERRLAA
;
_entity_poly.pdbx_strand_id   A
#
loop_
_chem_comp.id
_chem_comp.type
_chem_comp.name
_chem_comp.formula
MN non-polymer 'MANGANESE (II) ION' 'Mn 2'
PEG non-polymer DI(HYDROXYETHYL)ETHER 'C4 H10 O3'
#
# COMPACT_ATOMS: atom_id res chain seq x y z
N GLY A 8 -21.86 0.85 30.86
CA GLY A 8 -21.93 1.90 31.86
C GLY A 8 -21.88 3.31 31.28
N LEU A 9 -22.12 4.29 32.14
CA LEU A 9 -22.10 5.69 31.70
C LEU A 9 -20.72 6.13 31.24
N ASN A 10 -19.65 5.47 31.70
CA ASN A 10 -18.31 5.94 31.42
C ASN A 10 -17.89 5.69 29.99
N LEU A 11 -18.71 5.00 29.19
CA LEU A 11 -18.38 4.81 27.79
C LEU A 11 -18.76 6.00 26.91
N ASN A 12 -19.67 6.86 27.37
CA ASN A 12 -20.18 7.98 26.57
C ASN A 12 -20.73 7.51 25.23
N THR A 13 -21.42 6.38 25.25
CA THR A 13 -21.89 5.76 24.01
C THR A 13 -22.95 6.62 23.36
N PRO A 14 -22.78 7.01 22.09
CA PRO A 14 -23.82 7.79 21.42
C PRO A 14 -25.08 6.97 21.22
N ALA A 15 -26.20 7.69 21.02
CA ALA A 15 -27.49 7.04 20.87
C ALA A 15 -27.58 6.21 19.59
N TYR A 16 -26.84 6.59 18.55
CA TYR A 16 -26.92 5.88 17.27
C TYR A 16 -26.18 4.56 17.27
N VAL A 17 -25.49 4.19 18.35
CA VAL A 17 -24.80 2.91 18.43
C VAL A 17 -25.75 1.90 19.04
N LYS A 18 -26.26 0.98 18.21
CA LYS A 18 -27.29 0.02 18.59
C LYS A 18 -26.75 -1.39 18.77
N ASN A 19 -25.45 -1.59 18.67
CA ASN A 19 -24.83 -2.90 18.55
C ASN A 19 -24.30 -3.33 19.92
N ALA A 20 -25.00 -4.27 20.56
CA ALA A 20 -24.68 -4.64 21.94
C ALA A 20 -23.31 -5.32 22.04
N LYS A 21 -22.98 -6.20 21.09
CA LYS A 21 -21.68 -6.87 21.12
C LYS A 21 -20.55 -5.85 20.99
N LEU A 22 -20.74 -4.84 20.16
CA LEU A 22 -19.71 -3.82 19.99
C LEU A 22 -19.51 -3.03 21.28
N ILE A 23 -20.61 -2.65 21.94
CA ILE A 23 -20.50 -1.87 23.17
C ILE A 23 -19.80 -2.68 24.26
N ALA A 24 -20.16 -3.96 24.39
CA ALA A 24 -19.51 -4.80 25.38
C ALA A 24 -18.02 -4.95 25.10
N TRP A 25 -17.64 -5.01 23.83
CA TRP A 25 -16.21 -5.10 23.50
C TRP A 25 -15.49 -3.80 23.83
N VAL A 26 -16.07 -2.66 23.46
CA VAL A 26 -15.48 -1.38 23.84
C VAL A 26 -15.34 -1.30 25.35
N ALA A 27 -16.34 -1.82 26.08
CA ALA A 27 -16.29 -1.79 27.53
C ALA A 27 -15.13 -2.64 28.06
N ASP A 28 -14.91 -3.81 27.47
CA ASP A 28 -13.79 -4.64 27.91
C ASP A 28 -12.46 -3.95 27.69
N MET A 29 -12.29 -3.29 26.54
CA MET A 29 -11.03 -2.63 26.26
C MET A 29 -10.84 -1.38 27.10
N VAL A 30 -11.93 -0.67 27.42
CA VAL A 30 -11.82 0.45 28.33
C VAL A 30 -11.44 -0.04 29.72
N ALA A 31 -12.03 -1.16 30.15
CA ALA A 31 -11.64 -1.77 31.42
C ALA A 31 -10.16 -2.11 31.42
N LEU A 32 -9.64 -2.61 30.30
CA LEU A 32 -8.25 -2.98 30.21
C LEU A 32 -7.35 -1.75 30.11
N CYS A 33 -7.59 -0.91 29.09
CA CYS A 33 -6.69 0.19 28.78
C CYS A 33 -6.81 1.36 29.74
N LYS A 34 -7.96 1.51 30.39
CA LYS A 34 -8.18 2.54 31.40
C LYS A 34 -7.85 3.94 30.91
N PRO A 35 -8.42 4.38 29.78
CA PRO A 35 -8.29 5.79 29.41
C PRO A 35 -8.98 6.68 30.43
N ASP A 36 -8.55 7.95 30.48
CA ASP A 36 -9.22 8.91 31.35
C ASP A 36 -10.64 9.18 30.88
N THR A 37 -10.83 9.35 29.57
CA THR A 37 -12.16 9.58 29.00
C THR A 37 -12.28 8.81 27.69
N VAL A 38 -13.51 8.52 27.31
CA VAL A 38 -13.81 7.83 26.06
C VAL A 38 -14.56 8.79 25.14
N TYR A 39 -14.08 8.92 23.91
CA TYR A 39 -14.69 9.80 22.94
C TYR A 39 -14.98 9.02 21.66
N TRP A 40 -16.23 9.06 21.21
CA TRP A 40 -16.63 8.39 19.98
C TRP A 40 -16.53 9.37 18.81
N CYS A 41 -15.74 9.00 17.80
CA CYS A 41 -15.56 9.85 16.63
C CYS A 41 -16.76 9.70 15.69
N ASP A 42 -17.44 10.81 15.42
CA ASP A 42 -18.55 10.81 14.48
C ASP A 42 -18.11 11.04 13.04
N GLY A 43 -16.83 11.32 12.80
CA GLY A 43 -16.34 11.51 11.46
C GLY A 43 -16.66 12.84 10.83
N SER A 44 -17.24 13.78 11.59
CA SER A 44 -17.66 15.05 11.02
C SER A 44 -16.45 15.92 10.70
N ASP A 45 -16.65 16.83 9.73
CA ASP A 45 -15.60 17.78 9.37
C ASP A 45 -15.23 18.66 10.56
N ALA A 46 -16.22 19.05 11.38
CA ALA A 46 -15.92 19.89 12.53
C ALA A 46 -15.06 19.14 13.54
N GLU A 47 -15.36 17.86 13.76
CA GLU A 47 -14.57 17.05 14.68
C GLU A 47 -13.14 16.92 14.17
N TYR A 48 -12.97 16.73 12.87
CA TYR A 48 -11.64 16.66 12.28
C TYR A 48 -10.85 17.94 12.57
N GLN A 49 -11.48 19.09 12.35
CA GLN A 49 -10.80 20.36 12.64
C GLN A 49 -10.48 20.49 14.13
N ARG A 50 -11.40 20.06 15.00
CA ARG A 50 -11.14 20.12 16.45
C ARG A 50 -9.94 19.27 16.81
N LEU A 51 -9.89 18.03 16.31
CA LEU A 51 -8.76 17.15 16.62
C LEU A 51 -7.47 17.70 16.03
N CYS A 52 -7.52 18.25 14.81
CA CYS A 52 -6.35 18.92 14.26
C CYS A 52 -5.89 20.06 15.16
N GLN A 53 -6.83 20.83 15.70
CA GLN A 53 -6.43 21.92 16.58
C GLN A 53 -5.83 21.40 17.87
N GLN A 54 -6.38 20.30 18.40
CA GLN A 54 -5.77 19.66 19.56
C GLN A 54 -4.34 19.22 19.26
N LEU A 55 -4.10 18.67 18.07
CA LEU A 55 -2.75 18.27 17.69
C LEU A 55 -1.83 19.49 17.56
N VAL A 56 -2.36 20.61 17.07
CA VAL A 56 -1.59 21.85 17.05
C VAL A 56 -1.27 22.32 18.47
N ASP A 57 -2.29 22.31 19.34
CA ASP A 57 -2.08 22.75 20.72
C ASP A 57 -1.04 21.90 21.44
N ALA A 58 -0.96 20.61 21.12
CA ALA A 58 0.03 19.74 21.73
C ALA A 58 1.41 19.87 21.09
N GLY A 59 1.53 20.55 19.96
CA GLY A 59 2.79 20.63 19.25
C GLY A 59 3.04 19.49 18.28
N THR A 60 2.10 18.56 18.15
CA THR A 60 2.27 17.46 17.21
C THR A 60 2.14 17.95 15.77
N PHE A 61 1.21 18.88 15.54
CA PHE A 61 0.97 19.49 14.24
C PHE A 61 1.49 20.91 14.23
N LYS A 62 2.06 21.32 13.11
CA LYS A 62 2.21 22.72 12.76
C LYS A 62 1.27 23.02 11.59
N LYS A 63 0.48 24.08 11.72
CA LYS A 63 -0.35 24.52 10.61
C LYS A 63 0.52 25.13 9.52
N LEU A 64 0.35 24.64 8.30
CA LEU A 64 1.12 25.18 7.19
C LEU A 64 0.51 26.50 6.74
N ASN A 65 1.30 27.27 5.98
CA ASN A 65 0.84 28.55 5.49
C ASN A 65 -0.39 28.37 4.60
N GLU A 66 -1.47 29.10 4.92
CA GLU A 66 -2.74 28.94 4.22
C GLU A 66 -2.68 29.41 2.77
N ALA A 67 -1.69 30.25 2.41
CA ALA A 67 -1.55 30.66 1.02
C ALA A 67 -0.78 29.63 0.19
N LYS A 68 0.21 28.97 0.81
CA LYS A 68 1.02 28.00 0.09
C LYS A 68 0.36 26.63 0.04
N ARG A 69 -0.31 26.25 1.12
CA ARG A 69 -0.77 24.87 1.31
C ARG A 69 -2.01 24.89 2.20
N PRO A 70 -3.17 25.23 1.63
CA PRO A 70 -4.36 25.50 2.46
C PRO A 70 -4.80 24.28 3.28
N ASN A 71 -5.25 24.57 4.50
CA ASN A 71 -5.78 23.59 5.45
C ASN A 71 -4.92 22.33 5.49
N SER A 72 -3.62 22.52 5.71
CA SER A 72 -2.68 21.43 5.76
C SER A 72 -1.83 21.53 7.02
N TYR A 73 -1.24 20.40 7.39
CA TYR A 73 -0.55 20.28 8.67
C TYR A 73 0.73 19.48 8.46
N LEU A 74 1.74 19.80 9.26
CA LEU A 74 3.01 19.08 9.25
C LEU A 74 3.21 18.47 10.63
N ALA A 75 3.41 17.16 10.68
CA ALA A 75 3.76 16.46 11.90
C ALA A 75 5.15 15.86 11.75
N CYS A 76 5.94 15.90 12.81
CA CYS A 76 7.26 15.29 12.83
C CYS A 76 7.32 14.29 13.97
N SER A 77 7.80 13.09 13.67
CA SER A 77 7.72 12.01 14.64
C SER A 77 9.04 11.85 15.39
N ASP A 78 8.95 11.15 16.51
CA ASP A 78 10.11 10.67 17.25
C ASP A 78 11.01 9.86 16.32
N PRO A 79 12.33 10.07 16.33
CA PRO A 79 13.21 9.35 15.39
C PRO A 79 13.17 7.84 15.55
N SER A 80 12.72 7.32 16.69
CA SER A 80 12.59 5.88 16.85
C SER A 80 11.31 5.33 16.23
N ASP A 81 10.41 6.20 15.78
CA ASP A 81 9.06 5.82 15.33
C ASP A 81 8.81 6.46 13.96
N VAL A 82 9.38 5.87 12.92
CA VAL A 82 9.36 6.47 11.58
C VAL A 82 8.87 5.51 10.51
N ALA A 83 8.59 4.25 10.83
CA ALA A 83 8.22 3.28 9.80
C ALA A 83 7.59 2.06 10.46
N ARG A 84 6.99 1.22 9.63
CA ARG A 84 6.59 -0.12 10.07
C ARG A 84 7.80 -0.87 10.62
N VAL A 85 7.57 -1.59 11.72
CA VAL A 85 8.64 -2.40 12.31
C VAL A 85 8.31 -3.87 12.11
N GLU A 86 8.86 -4.46 11.04
CA GLU A 86 8.46 -5.82 10.65
C GLU A 86 8.90 -6.85 11.68
N ASP A 87 10.02 -6.62 12.37
CA ASP A 87 10.47 -7.55 13.40
C ASP A 87 9.54 -7.60 14.60
N ARG A 88 8.65 -6.60 14.76
CA ARG A 88 7.70 -6.56 15.86
C ARG A 88 6.29 -6.88 15.42
N THR A 89 6.13 -7.38 14.20
CA THR A 89 4.81 -7.65 13.62
C THR A 89 4.59 -9.15 13.59
N TYR A 90 3.44 -9.59 14.11
CA TYR A 90 3.20 -10.99 14.40
C TYR A 90 1.87 -11.47 13.81
N ILE A 91 1.88 -12.68 13.27
CA ILE A 91 0.66 -13.40 12.89
C ILE A 91 0.52 -14.53 13.91
N CYS A 92 -0.37 -14.34 14.89
CA CYS A 92 -0.51 -15.30 15.99
C CYS A 92 -1.70 -16.21 15.72
N SER A 93 -1.55 -17.03 14.69
CA SER A 93 -2.51 -18.07 14.39
C SER A 93 -2.37 -19.23 15.38
N ALA A 94 -3.42 -20.05 15.47
CA ALA A 94 -3.40 -21.19 16.39
C ALA A 94 -2.20 -22.09 16.13
N LYS A 95 -1.86 -22.32 14.85
CA LYS A 95 -0.78 -23.21 14.47
C LYS A 95 0.31 -22.41 13.75
N GLU A 96 1.57 -22.64 14.14
CA GLU A 96 2.68 -21.90 13.54
C GLU A 96 2.73 -22.07 12.02
N GLU A 97 2.33 -23.25 11.52
CA GLU A 97 2.38 -23.49 10.08
C GLU A 97 1.42 -22.60 9.31
N ASN A 98 0.43 -22.01 9.98
CA ASN A 98 -0.49 -21.08 9.32
C ASN A 98 -0.02 -19.63 9.42
N ALA A 99 1.13 -19.40 10.06
CA ALA A 99 1.84 -18.13 9.91
C ALA A 99 2.86 -18.23 8.79
N GLY A 100 3.68 -19.26 8.82
CA GLY A 100 4.58 -19.55 7.73
C GLY A 100 5.91 -18.84 7.85
N PRO A 101 6.80 -19.13 6.89
CA PRO A 101 8.18 -18.61 6.99
C PRO A 101 8.32 -17.12 6.74
N THR A 102 7.31 -16.46 6.17
CA THR A 102 7.41 -15.01 5.92
C THR A 102 6.79 -14.19 7.04
N ASN A 103 6.35 -14.82 8.12
CA ASN A 103 5.69 -14.15 9.21
C ASN A 103 6.34 -14.52 10.53
N ASN A 104 6.25 -13.62 11.50
CA ASN A 104 6.68 -13.89 12.86
C ASN A 104 5.51 -14.49 13.61
N TRP A 105 5.76 -15.61 14.29
CA TRP A 105 4.71 -16.35 14.97
C TRP A 105 5.01 -16.44 16.46
N MET A 106 3.95 -16.44 17.24
CA MET A 106 4.00 -16.77 18.66
C MET A 106 2.69 -17.44 19.01
N GLU A 107 2.76 -18.44 19.87
CA GLU A 107 1.56 -19.07 20.40
C GLU A 107 0.57 -18.00 20.85
N PRO A 108 -0.69 -18.06 20.42
CA PRO A 108 -1.63 -16.98 20.76
C PRO A 108 -1.77 -16.74 22.26
N SER A 109 -1.88 -17.80 23.06
CA SER A 109 -2.04 -17.61 24.50
C SER A 109 -0.79 -16.97 25.11
N GLU A 110 0.39 -17.25 24.55
CA GLU A 110 1.61 -16.61 25.03
C GLU A 110 1.66 -15.14 24.64
N MET A 111 1.19 -14.81 23.45
CA MET A 111 1.17 -13.40 23.04
C MET A 111 0.15 -12.62 23.86
N ARG A 112 -1.02 -13.22 24.12
CA ARG A 112 -2.01 -12.54 24.95
C ARG A 112 -1.47 -12.27 26.34
N ALA A 113 -0.73 -13.23 26.92
CA ALA A 113 -0.12 -13.01 28.22
C ALA A 113 1.00 -11.98 28.15
N THR A 114 1.66 -11.85 26.99
CA THR A 114 2.68 -10.83 26.80
C THR A 114 2.04 -9.45 26.71
N LEU A 115 0.96 -9.32 25.94
CA LEU A 115 0.35 -8.02 25.70
C LEU A 115 -0.55 -7.54 26.84
N GLN A 116 -1.08 -8.44 27.67
N GLN A 116 -1.07 -8.43 27.67
CA GLN A 116 -2.02 -8.00 28.70
CA GLN A 116 -2.02 -8.02 28.70
C GLN A 116 -1.41 -6.97 29.64
C GLN A 116 -1.42 -7.01 29.67
N PRO A 117 -0.24 -7.22 30.27
CA PRO A 117 0.30 -6.18 31.16
C PRO A 117 0.71 -4.92 30.43
N LEU A 118 1.06 -4.99 29.15
CA LEU A 118 1.42 -3.77 28.42
C LEU A 118 0.20 -2.90 28.16
N PHE A 119 -0.94 -3.51 27.81
CA PHE A 119 -2.15 -2.74 27.55
C PHE A 119 -2.88 -2.38 28.83
N ASP A 120 -2.59 -3.04 29.93
CA ASP A 120 -3.26 -2.74 31.20
C ASP A 120 -2.85 -1.34 31.63
N GLY A 121 -3.80 -0.39 31.56
CA GLY A 121 -3.53 0.99 31.93
C GLY A 121 -2.72 1.77 30.92
N CYS A 122 -2.59 1.28 29.69
CA CYS A 122 -1.76 1.97 28.70
C CYS A 122 -2.29 3.35 28.39
N MET A 123 -3.60 3.57 28.52
CA MET A 123 -4.20 4.84 28.17
C MET A 123 -4.46 5.74 29.37
N ARG A 124 -3.93 5.39 30.54
CA ARG A 124 -4.04 6.25 31.71
C ARG A 124 -3.54 7.65 31.35
N GLY A 125 -4.36 8.65 31.65
CA GLY A 125 -4.01 10.01 31.36
C GLY A 125 -4.36 10.48 29.97
N ARG A 126 -4.97 9.63 29.15
CA ARG A 126 -5.26 9.96 27.76
C ARG A 126 -6.73 9.70 27.45
N THR A 127 -7.17 10.26 26.32
CA THR A 127 -8.48 9.99 25.77
C THR A 127 -8.39 8.81 24.82
N MET A 128 -9.31 7.85 25.00
CA MET A 128 -9.49 6.80 24.00
C MET A 128 -10.45 7.31 22.93
N TYR A 129 -9.98 7.33 21.69
CA TYR A 129 -10.81 7.66 20.55
C TYR A 129 -11.39 6.39 19.97
N VAL A 130 -12.71 6.32 19.89
CA VAL A 130 -13.39 5.21 19.24
C VAL A 130 -13.55 5.61 17.77
N VAL A 131 -12.85 4.90 16.89
CA VAL A 131 -12.80 5.25 15.47
C VAL A 131 -13.52 4.18 14.65
N PRO A 132 -14.79 4.40 14.31
CA PRO A 132 -15.51 3.44 13.46
C PRO A 132 -15.21 3.71 12.00
N PHE A 133 -14.98 2.64 11.24
CA PHE A 133 -14.66 2.86 9.84
C PHE A 133 -15.12 1.69 8.98
N SER A 134 -15.44 2.00 7.73
CA SER A 134 -15.74 1.02 6.71
C SER A 134 -14.58 0.95 5.74
N MET A 135 -14.10 -0.26 5.49
CA MET A 135 -13.13 -0.52 4.43
C MET A 135 -13.94 -0.92 3.21
N GLY A 136 -13.96 -0.05 2.20
CA GLY A 136 -14.87 -0.19 1.09
C GLY A 136 -16.05 0.75 1.23
N PRO A 137 -16.75 1.00 0.13
CA PRO A 137 -17.88 1.94 0.17
C PRO A 137 -18.92 1.54 1.19
N LEU A 138 -19.51 2.54 1.85
CA LEU A 138 -20.37 2.30 3.00
C LEU A 138 -21.60 1.49 2.63
N GLY A 139 -22.00 0.59 3.54
CA GLY A 139 -23.21 -0.18 3.40
C GLY A 139 -23.17 -1.21 2.28
N SER A 140 -22.07 -1.22 1.54
CA SER A 140 -21.97 -2.02 0.33
C SER A 140 -21.84 -3.49 0.68
N PRO A 141 -22.16 -4.39 -0.27
CA PRO A 141 -22.08 -5.82 0.01
C PRO A 141 -20.67 -6.34 0.23
N ILE A 142 -19.65 -5.63 -0.27
CA ILE A 142 -18.27 -6.14 -0.25
C ILE A 142 -17.40 -5.40 0.76
N ALA A 143 -17.95 -4.43 1.49
CA ALA A 143 -17.19 -3.72 2.50
C ALA A 143 -17.19 -4.49 3.81
N HIS A 144 -16.22 -4.16 4.67
CA HIS A 144 -16.13 -4.71 6.00
C HIS A 144 -15.90 -3.59 7.00
N ILE A 145 -16.51 -3.69 8.15
CA ILE A 145 -16.46 -2.64 9.16
C ILE A 145 -15.35 -2.95 10.14
N GLY A 146 -14.60 -1.91 10.53
CA GLY A 146 -13.67 -2.04 11.62
C GLY A 146 -13.94 -0.98 12.67
N ILE A 147 -13.48 -1.26 13.89
CA ILE A 147 -13.48 -0.29 14.96
C ILE A 147 -12.08 -0.25 15.53
N GLU A 148 -11.43 0.91 15.48
CA GLU A 148 -10.12 1.07 16.08
C GLU A 148 -10.25 1.93 17.33
N LEU A 149 -9.85 1.38 18.47
CA LEU A 149 -9.69 2.15 19.69
C LEU A 149 -8.24 2.62 19.76
N SER A 150 -8.04 3.92 19.93
CA SER A 150 -6.69 4.49 19.91
C SER A 150 -6.62 5.67 20.87
N ASP A 151 -5.44 5.87 21.46
CA ASP A 151 -5.21 7.05 22.27
C ASP A 151 -4.45 8.14 21.51
N SER A 152 -4.41 8.05 20.18
CA SER A 152 -3.68 9.01 19.35
C SER A 152 -4.64 9.83 18.50
N PRO A 153 -4.79 11.13 18.76
CA PRO A 153 -5.58 11.95 17.83
C PRO A 153 -4.99 12.00 16.43
N TYR A 154 -3.67 11.81 16.31
CA TYR A 154 -3.08 11.69 14.98
C TYR A 154 -3.68 10.52 14.22
N VAL A 155 -3.88 9.39 14.91
CA VAL A 155 -4.53 8.25 14.27
C VAL A 155 -5.95 8.61 13.84
N ALA A 156 -6.69 9.31 14.72
CA ALA A 156 -8.08 9.64 14.42
C ALA A 156 -8.20 10.51 13.17
N VAL A 157 -7.37 11.56 13.07
CA VAL A 157 -7.51 12.47 11.92
C VAL A 157 -7.03 11.80 10.64
N ASN A 158 -5.99 10.96 10.71
CA ASN A 158 -5.56 10.28 9.49
C ASN A 158 -6.56 9.20 9.08
N MET A 159 -7.17 8.53 10.05
CA MET A 159 -8.19 7.54 9.71
C MET A 159 -9.40 8.19 9.05
N LYS A 160 -9.70 9.44 9.43
CA LYS A 160 -10.80 10.16 8.78
C LYS A 160 -10.54 10.29 7.29
N ILE A 161 -9.30 10.59 6.91
CA ILE A 161 -8.95 10.76 5.51
C ILE A 161 -8.84 9.42 4.79
N MET A 162 -8.29 8.40 5.47
N MET A 162 -8.30 8.40 5.47
CA MET A 162 -7.93 7.16 4.80
CA MET A 162 -7.92 7.16 4.80
C MET A 162 -9.08 6.18 4.67
C MET A 162 -9.02 6.10 4.78
N THR A 163 -10.12 6.33 5.48
CA THR A 163 -11.25 5.39 5.49
C THR A 163 -12.56 6.18 5.46
N ARG A 164 -13.68 5.47 5.30
CA ARG A 164 -15.00 6.04 5.53
C ARG A 164 -15.26 5.91 7.02
N MET A 165 -15.09 7.02 7.76
CA MET A 165 -14.99 7.01 9.21
C MET A 165 -16.19 7.71 9.84
N GLY A 166 -16.74 7.10 10.90
CA GLY A 166 -17.58 7.81 11.84
C GLY A 166 -18.99 7.23 11.93
N LYS A 167 -19.95 8.14 12.16
CA LYS A 167 -21.30 7.77 12.58
C LYS A 167 -22.03 6.93 11.56
N ALA A 168 -21.79 7.15 10.26
CA ALA A 168 -22.50 6.39 9.24
C ALA A 168 -22.23 4.89 9.33
N VAL A 169 -21.14 4.51 9.98
CA VAL A 169 -20.78 3.10 10.10
C VAL A 169 -21.85 2.34 10.89
N PHE A 170 -22.45 2.99 11.89
CA PHE A 170 -23.35 2.30 12.80
C PHE A 170 -24.71 2.02 12.18
N GLU A 171 -25.10 2.76 11.14
CA GLU A 171 -26.32 2.40 10.44
C GLU A 171 -26.14 1.13 9.63
N VAL A 172 -24.90 0.84 9.21
CA VAL A 172 -24.60 -0.41 8.52
C VAL A 172 -24.48 -1.56 9.51
N LEU A 173 -23.79 -1.33 10.63
CA LEU A 173 -23.62 -2.39 11.63
C LEU A 173 -24.95 -2.87 12.18
N GLY A 174 -25.90 -1.94 12.37
CA GLY A 174 -27.16 -2.33 12.94
C GLY A 174 -26.98 -2.83 14.36
N THR A 175 -27.85 -3.76 14.77
CA THR A 175 -27.83 -4.27 16.12
C THR A 175 -26.98 -5.51 16.30
N GLU A 176 -26.64 -6.23 15.23
CA GLU A 176 -25.94 -7.50 15.34
C GLU A 176 -24.79 -7.69 14.36
N GLY A 177 -24.50 -6.70 13.51
CA GLY A 177 -23.46 -6.88 12.51
C GLY A 177 -22.08 -7.04 13.13
N ASP A 178 -21.21 -7.75 12.41
CA ASP A 178 -19.85 -8.03 12.85
C ASP A 178 -18.91 -6.89 12.47
N PHE A 179 -17.79 -6.82 13.19
CA PHE A 179 -16.76 -5.83 12.94
C PHE A 179 -15.41 -6.43 13.28
N VAL A 180 -14.36 -5.86 12.68
CA VAL A 180 -12.99 -6.24 12.97
C VAL A 180 -12.52 -5.43 14.17
N PRO A 181 -12.14 -6.05 15.28
CA PRO A 181 -11.76 -5.30 16.48
C PRO A 181 -10.29 -4.90 16.50
N CYS A 182 -10.01 -3.60 16.59
CA CYS A 182 -8.65 -3.10 16.57
C CYS A 182 -8.40 -2.26 17.82
N VAL A 183 -7.27 -2.49 18.48
CA VAL A 183 -6.87 -1.71 19.65
C VAL A 183 -5.47 -1.16 19.41
N HIS A 184 -5.30 0.12 19.70
CA HIS A 184 -4.00 0.76 19.48
C HIS A 184 -3.67 1.69 20.63
N THR A 185 -2.42 1.62 21.10
CA THR A 185 -1.94 2.59 22.06
C THR A 185 -0.50 2.98 21.71
N VAL A 186 -0.18 4.25 21.94
CA VAL A 186 1.20 4.68 21.84
C VAL A 186 2.04 4.18 23.00
N GLY A 187 1.43 3.56 24.01
CA GLY A 187 2.20 2.99 25.10
C GLY A 187 2.93 4.01 25.95
N ALA A 188 2.32 5.18 26.16
CA ALA A 188 2.92 6.26 26.94
C ALA A 188 1.89 6.82 27.90
N PRO A 189 1.47 6.04 28.89
CA PRO A 189 0.52 6.57 29.89
C PRO A 189 1.09 7.79 30.60
N LEU A 190 0.21 8.71 30.93
CA LEU A 190 0.57 9.97 31.55
C LEU A 190 0.11 10.00 33.00
N ALA A 191 0.97 10.53 33.86
CA ALA A 191 0.62 10.79 35.26
C ALA A 191 -0.03 12.17 35.38
N GLU A 192 -0.69 12.40 36.52
CA GLU A 192 -1.28 13.70 36.77
C GLU A 192 -0.24 14.79 36.71
N GLY A 193 -0.53 15.84 35.95
CA GLY A 193 0.37 16.97 35.80
C GLY A 193 1.59 16.73 34.93
N GLU A 194 1.73 15.54 34.36
CA GLU A 194 2.89 15.25 33.51
C GLU A 194 2.74 15.95 32.16
N GLN A 195 3.82 16.59 31.70
CA GLN A 195 3.85 17.19 30.38
C GLN A 195 4.03 16.11 29.33
N ASP A 196 3.14 16.10 28.34
CA ASP A 196 3.24 15.14 27.25
C ASP A 196 4.31 15.59 26.25
N VAL A 197 4.81 14.63 25.48
CA VAL A 197 5.73 14.93 24.39
C VAL A 197 4.91 15.12 23.11
N THR A 198 5.53 15.69 22.07
CA THR A 198 4.77 15.97 20.85
C THR A 198 4.45 14.70 20.07
N TRP A 199 5.28 13.67 20.18
CA TRP A 199 5.06 12.40 19.49
C TRP A 199 5.21 11.27 20.49
N PRO A 200 4.18 11.00 21.29
CA PRO A 200 4.26 9.89 22.24
C PRO A 200 4.44 8.56 21.52
N CYS A 201 5.28 7.72 22.10
CA CYS A 201 5.55 6.38 21.58
C CYS A 201 6.34 5.64 22.65
N ASN A 202 6.62 4.38 22.38
CA ASN A 202 7.35 3.51 23.28
C ASN A 202 8.41 2.79 22.48
N LYS A 203 9.58 2.57 23.08
CA LYS A 203 10.61 1.80 22.38
C LYS A 203 10.18 0.35 22.21
N THR A 204 9.35 -0.15 23.12
CA THR A 204 8.78 -1.49 23.01
C THR A 204 7.58 -1.46 22.10
N LYS A 205 7.60 -2.27 21.04
CA LYS A 205 6.54 -2.23 20.05
C LYS A 205 6.05 -3.64 19.73
N TYR A 206 4.74 -3.75 19.53
CA TYR A 206 4.10 -4.99 19.09
C TYR A 206 2.99 -4.61 18.11
N ILE A 207 2.94 -5.30 16.98
CA ILE A 207 1.81 -5.20 16.06
C ILE A 207 1.36 -6.62 15.82
N VAL A 208 0.25 -7.00 16.44
CA VAL A 208 -0.15 -8.41 16.56
C VAL A 208 -1.49 -8.63 15.86
N HIS A 209 -1.60 -9.74 15.15
CA HIS A 209 -2.82 -10.15 14.46
C HIS A 209 -3.22 -11.54 14.94
N TYR A 210 -4.46 -11.66 15.40
CA TYR A 210 -5.04 -12.95 15.76
C TYR A 210 -6.04 -13.31 14.67
N PRO A 211 -5.64 -14.07 13.65
CA PRO A 211 -6.52 -14.24 12.48
C PRO A 211 -7.86 -14.85 12.79
N GLU A 212 -7.90 -15.87 13.66
CA GLU A 212 -9.16 -16.59 13.90
C GLU A 212 -10.24 -15.67 14.45
N THR A 213 -9.87 -14.68 15.26
CA THR A 213 -10.84 -13.73 15.82
C THR A 213 -10.80 -12.38 15.14
N ARG A 214 -9.93 -12.20 14.14
CA ARG A 214 -9.74 -10.94 13.41
C ARG A 214 -9.26 -9.80 14.31
N GLU A 215 -8.68 -10.10 15.47
CA GLU A 215 -8.22 -9.05 16.36
C GLU A 215 -6.91 -8.46 15.86
N ILE A 216 -6.77 -7.15 16.01
CA ILE A 216 -5.51 -6.45 15.75
C ILE A 216 -5.15 -5.66 17.01
N TRP A 217 -3.94 -5.86 17.50
CA TRP A 217 -3.44 -5.18 18.69
C TRP A 217 -2.15 -4.49 18.32
N SER A 218 -2.06 -3.19 18.57
CA SER A 218 -0.87 -2.42 18.24
C SER A 218 -0.41 -1.64 19.45
N TYR A 219 0.87 -1.79 19.81
CA TYR A 219 1.43 -1.17 21.00
C TYR A 219 2.71 -0.46 20.65
N GLY A 220 2.81 0.81 21.00
CA GLY A 220 4.09 1.48 21.09
C GLY A 220 4.42 2.42 19.94
N SER A 221 3.86 2.21 18.75
CA SER A 221 4.09 3.08 17.62
C SER A 221 2.85 3.91 17.35
N GLY A 222 3.05 5.18 16.99
CA GLY A 222 1.95 5.98 16.51
C GLY A 222 2.05 6.26 15.02
N TYR A 223 2.88 5.51 14.32
CA TYR A 223 3.25 5.84 12.94
C TYR A 223 2.58 4.93 11.93
N GLY A 224 2.02 5.54 10.89
CA GLY A 224 1.68 4.89 9.64
C GLY A 224 1.07 3.50 9.74
N GLY A 225 1.71 2.54 9.08
CA GLY A 225 1.17 1.19 9.01
C GLY A 225 1.12 0.46 10.33
N ASN A 226 1.83 0.95 11.35
CA ASN A 226 1.74 0.36 12.68
C ASN A 226 0.47 0.80 13.41
N ALA A 227 -0.04 1.99 13.13
CA ALA A 227 -1.08 2.58 13.94
C ALA A 227 -2.36 2.91 13.18
N LEU A 228 -2.29 3.12 11.87
CA LEU A 228 -3.47 3.29 11.04
C LEU A 228 -3.88 1.88 10.63
N LEU A 229 -4.67 1.24 11.49
CA LEU A 229 -4.82 -0.20 11.41
C LEU A 229 -5.69 -0.65 10.25
N GLY A 230 -6.43 0.25 9.63
CA GLY A 230 -7.24 -0.15 8.49
C GLY A 230 -6.41 -0.49 7.27
N LYS A 231 -5.23 0.10 7.15
CA LYS A 231 -4.50 0.06 5.88
C LYS A 231 -3.84 -1.31 5.66
N LYS A 232 -2.83 -1.64 6.45
CA LYS A 232 -2.09 -2.89 6.28
C LYS A 232 -2.64 -4.01 7.17
N CYS A 233 -2.77 -3.75 8.48
CA CYS A 233 -3.17 -4.81 9.41
C CYS A 233 -4.55 -5.39 9.04
N PHE A 234 -5.50 -4.52 8.71
CA PHE A 234 -6.84 -4.96 8.33
C PHE A 234 -6.90 -5.29 6.85
N ALA A 235 -6.67 -4.29 5.99
CA ALA A 235 -7.00 -4.45 4.58
C ALA A 235 -6.09 -5.44 3.86
N LEU A 236 -4.93 -5.80 4.43
CA LEU A 236 -4.10 -6.85 3.86
C LEU A 236 -4.02 -8.09 4.76
N ARG A 237 -3.55 -7.97 6.00
CA ARG A 237 -3.25 -9.17 6.76
C ARG A 237 -4.52 -9.91 7.16
N ILE A 238 -5.42 -9.23 7.87
CA ILE A 238 -6.68 -9.87 8.24
C ILE A 238 -7.49 -10.19 6.99
N ALA A 239 -7.54 -9.25 6.05
CA ALA A 239 -8.39 -9.40 4.87
C ALA A 239 -7.94 -10.57 4.00
N SER A 240 -6.63 -10.82 3.92
CA SER A 240 -6.15 -11.94 3.12
C SER A 240 -6.63 -13.26 3.71
N ASN A 241 -6.69 -13.35 5.04
CA ASN A 241 -7.24 -14.55 5.69
C ASN A 241 -8.72 -14.74 5.36
N MET A 242 -9.50 -13.67 5.44
CA MET A 242 -10.91 -13.76 5.10
C MET A 242 -11.09 -14.19 3.64
N GLY A 243 -10.28 -13.62 2.75
CA GLY A 243 -10.38 -13.96 1.34
C GLY A 243 -10.06 -15.42 1.07
N ARG A 244 -9.08 -15.97 1.79
CA ARG A 244 -8.77 -17.39 1.62
C ARG A 244 -9.97 -18.26 1.97
N ASP A 245 -10.68 -17.92 3.05
CA ASP A 245 -11.81 -18.72 3.49
C ASP A 245 -13.08 -18.45 2.70
N GLU A 246 -13.20 -17.27 2.07
CA GLU A 246 -14.43 -16.85 1.40
C GLU A 246 -14.29 -16.73 -0.11
N GLY A 247 -13.14 -17.08 -0.67
CA GLY A 247 -13.00 -17.09 -2.11
C GLY A 247 -12.77 -15.73 -2.75
N TRP A 248 -11.97 -14.87 -2.12
CA TRP A 248 -11.59 -13.61 -2.73
C TRP A 248 -10.16 -13.27 -2.33
N LEU A 249 -9.69 -12.12 -2.80
CA LEU A 249 -8.28 -11.75 -2.73
C LEU A 249 -8.12 -10.38 -2.09
N ALA A 250 -7.13 -10.26 -1.19
CA ALA A 250 -6.74 -8.99 -0.61
C ALA A 250 -5.28 -8.76 -1.00
N GLU A 251 -5.05 -7.80 -1.90
CA GLU A 251 -3.76 -7.72 -2.59
C GLU A 251 -3.14 -6.34 -2.43
N HIS A 252 -1.81 -6.33 -2.50
CA HIS A 252 -1.02 -5.11 -2.40
C HIS A 252 -0.87 -4.53 -3.82
N MET A 253 -1.99 -4.05 -4.35
CA MET A 253 -2.06 -3.61 -5.73
C MET A 253 -2.79 -2.28 -5.89
N LEU A 254 -2.24 -1.44 -6.76
CA LEU A 254 -2.99 -0.33 -7.32
C LEU A 254 -4.08 -0.86 -8.24
N ILE A 255 -5.07 -0.03 -8.51
CA ILE A 255 -6.11 -0.31 -9.51
C ILE A 255 -6.25 0.92 -10.38
N LEU A 256 -6.09 0.76 -11.68
CA LEU A 256 -6.24 1.90 -12.57
C LEU A 256 -7.18 1.57 -13.72
N GLY A 257 -7.79 2.62 -14.24
CA GLY A 257 -8.56 2.55 -15.48
C GLY A 257 -7.77 3.20 -16.60
N VAL A 258 -7.80 2.58 -17.77
CA VAL A 258 -7.14 3.13 -18.95
C VAL A 258 -8.16 3.08 -20.09
N THR A 259 -8.41 4.24 -20.70
CA THR A 259 -9.36 4.39 -21.79
C THR A 259 -8.60 4.82 -23.03
N ASN A 260 -8.85 4.15 -24.16
CA ASN A 260 -8.20 4.48 -25.42
C ASN A 260 -9.06 5.48 -26.20
N PRO A 261 -8.56 6.01 -27.32
CA PRO A 261 -9.33 7.07 -28.01
C PRO A 261 -10.70 6.64 -28.51
N GLU A 262 -10.97 5.35 -28.65
CA GLU A 262 -12.30 4.87 -29.03
C GLU A 262 -13.22 4.70 -27.83
N GLY A 263 -12.78 5.10 -26.65
CA GLY A 263 -13.60 4.98 -25.46
C GLY A 263 -13.59 3.62 -24.80
N LYS A 264 -12.86 2.65 -25.36
CA LYS A 264 -12.76 1.35 -24.72
C LYS A 264 -11.95 1.48 -23.44
N LYS A 265 -12.49 0.97 -22.35
CA LYS A 265 -11.89 1.13 -21.02
C LYS A 265 -11.46 -0.23 -20.50
N TYR A 266 -10.23 -0.28 -19.99
CA TYR A 266 -9.67 -1.47 -19.38
C TYR A 266 -9.26 -1.12 -17.97
N HIS A 267 -9.22 -2.11 -17.08
CA HIS A 267 -8.70 -1.93 -15.74
C HIS A 267 -7.61 -2.93 -15.48
N VAL A 268 -6.58 -2.48 -14.76
N VAL A 268 -6.53 -2.48 -14.83
CA VAL A 268 -5.39 -3.26 -14.47
CA VAL A 268 -5.44 -3.36 -14.46
C VAL A 268 -5.06 -3.13 -12.98
C VAL A 268 -5.15 -3.17 -12.98
N ALA A 269 -4.64 -4.23 -12.37
CA ALA A 269 -4.19 -4.23 -10.98
C ALA A 269 -2.70 -4.54 -11.00
N ALA A 270 -1.92 -3.81 -10.23
CA ALA A 270 -0.47 -3.90 -10.35
C ALA A 270 0.19 -3.85 -8.99
N ALA A 271 1.07 -4.81 -8.73
CA ALA A 271 1.82 -4.89 -7.49
C ALA A 271 3.27 -4.48 -7.77
N PHE A 272 3.76 -3.51 -7.03
CA PHE A 272 5.12 -3.04 -7.11
C PHE A 272 5.74 -3.07 -5.72
N PRO A 273 7.00 -3.51 -5.61
N PRO A 273 6.98 -3.57 -5.60
CA PRO A 273 7.76 -3.22 -4.40
CA PRO A 273 7.63 -3.52 -4.28
C PRO A 273 8.32 -1.81 -4.44
C PRO A 273 8.00 -2.10 -3.90
N SER A 274 8.67 -1.30 -3.26
N SER A 274 8.55 -1.90 -2.71
CA SER A 274 9.42 -0.05 -3.08
CA SER A 274 8.88 -0.57 -2.25
C SER A 274 8.60 1.21 -3.38
C SER A 274 9.92 0.07 -3.16
N ALA A 275 7.87 1.69 -2.38
N ALA A 275 9.73 1.36 -3.45
CA ALA A 275 7.45 3.08 -2.26
CA ALA A 275 10.58 2.12 -4.35
C ALA A 275 6.57 3.60 -3.40
C ALA A 275 10.60 1.50 -5.76
N CYS A 276 7.15 4.44 -4.27
N CYS A 276 9.39 1.25 -6.27
CA CYS A 276 6.39 5.33 -5.13
CA CYS A 276 9.24 0.77 -7.65
C CYS A 276 5.95 4.73 -6.45
C CYS A 276 8.13 1.46 -8.43
N GLY A 277 6.60 3.65 -6.90
N GLY A 277 7.18 2.13 -7.76
CA GLY A 277 6.32 3.13 -8.23
CA GLY A 277 6.30 3.08 -8.42
C GLY A 277 4.85 2.86 -8.47
C GLY A 277 4.82 2.74 -8.54
N LYS A 278 4.15 2.40 -7.43
CA LYS A 278 2.72 2.17 -7.53
C LYS A 278 1.94 3.47 -7.62
N THR A 279 2.29 4.48 -6.81
CA THR A 279 1.56 5.74 -6.88
C THR A 279 1.80 6.43 -8.22
N ASN A 280 3.04 6.40 -8.72
CA ASN A 280 3.32 7.00 -10.02
C ASN A 280 2.53 6.31 -11.13
N PHE A 281 2.55 4.98 -11.14
CA PHE A 281 1.87 4.24 -12.19
C PHE A 281 0.35 4.38 -12.09
N SER A 282 -0.18 4.40 -10.86
CA SER A 282 -1.63 4.52 -10.69
C SER A 282 -2.16 5.88 -11.10
N MET A 283 -1.29 6.88 -11.24
CA MET A 283 -1.68 8.22 -11.65
C MET A 283 -0.99 8.63 -12.94
N LEU A 284 -0.56 7.63 -13.73
CA LEU A 284 0.19 7.84 -14.95
C LEU A 284 -0.47 8.87 -15.86
N VAL A 285 0.35 9.79 -16.38
CA VAL A 285 -0.10 10.78 -17.36
C VAL A 285 0.36 10.32 -18.73
N PRO A 286 -0.54 10.04 -19.67
CA PRO A 286 -0.13 9.60 -21.00
C PRO A 286 0.76 10.64 -21.66
N PRO A 287 1.88 10.23 -22.23
CA PRO A 287 2.81 11.18 -22.84
C PRO A 287 2.40 11.56 -24.25
N ALA A 288 3.26 12.32 -24.93
CA ALA A 288 3.03 12.63 -26.34
C ALA A 288 2.86 11.33 -27.13
N GLY A 289 1.98 11.40 -28.13
CA GLY A 289 1.64 10.24 -28.91
C GLY A 289 0.41 9.48 -28.43
N PHE A 290 -0.19 9.90 -27.33
CA PHE A 290 -1.33 9.20 -26.76
C PHE A 290 -2.50 10.15 -26.54
N ASP A 291 -2.70 11.07 -27.47
CA ASP A 291 -3.90 11.91 -27.43
C ASP A 291 -5.14 11.03 -27.51
N GLY A 292 -6.14 11.37 -26.70
CA GLY A 292 -7.34 10.58 -26.62
C GLY A 292 -7.31 9.48 -25.58
N TRP A 293 -6.14 9.15 -25.05
CA TRP A 293 -6.03 8.19 -23.96
C TRP A 293 -6.19 8.91 -22.63
N SER A 294 -6.69 8.18 -21.64
CA SER A 294 -6.76 8.69 -20.28
C SER A 294 -6.48 7.56 -19.31
N VAL A 295 -5.78 7.89 -18.22
CA VAL A 295 -5.51 6.96 -17.14
C VAL A 295 -6.14 7.54 -15.87
N THR A 296 -6.91 6.73 -15.17
CA THR A 296 -7.63 7.18 -13.99
C THR A 296 -7.33 6.23 -12.83
N THR A 297 -7.43 6.75 -11.62
CA THR A 297 -7.00 6.02 -10.43
C THR A 297 -8.23 5.49 -9.69
N ILE A 298 -8.31 4.17 -9.55
CA ILE A 298 -9.26 3.60 -8.58
C ILE A 298 -8.64 3.50 -7.21
N GLY A 299 -7.40 3.02 -7.14
CA GLY A 299 -6.67 2.97 -5.88
C GLY A 299 -5.19 2.90 -6.16
N ASP A 300 -4.38 3.22 -5.15
CA ASP A 300 -2.94 3.26 -5.33
C ASP A 300 -2.19 2.31 -4.39
N ASP A 301 -2.88 1.44 -3.65
CA ASP A 301 -2.16 0.61 -2.70
C ASP A 301 -2.80 -0.76 -2.43
N ILE A 302 -4.11 -0.80 -2.18
CA ILE A 302 -4.78 -2.03 -1.77
C ILE A 302 -5.93 -2.34 -2.72
N ALA A 303 -6.04 -3.60 -3.11
CA ALA A 303 -7.16 -4.08 -3.92
C ALA A 303 -7.82 -5.26 -3.23
N TRP A 304 -9.14 -5.24 -3.14
CA TRP A 304 -9.96 -6.38 -2.75
C TRP A 304 -10.65 -6.91 -4.00
N ILE A 305 -10.40 -8.17 -4.36
CA ILE A 305 -10.80 -8.70 -5.66
C ILE A 305 -11.61 -9.97 -5.47
N LYS A 306 -12.80 -10.01 -6.07
CA LYS A 306 -13.72 -11.13 -5.91
C LYS A 306 -14.21 -11.57 -7.28
N PRO A 307 -14.14 -12.86 -7.58
CA PRO A 307 -14.75 -13.35 -8.82
C PRO A 307 -16.26 -13.29 -8.76
N ALA A 308 -16.87 -13.02 -9.90
CA ALA A 308 -18.32 -12.90 -9.98
C ALA A 308 -18.89 -14.03 -10.82
N ALA A 309 -20.22 -14.18 -10.74
CA ALA A 309 -20.90 -15.20 -11.51
C ALA A 309 -20.62 -15.07 -13.00
N ASP A 310 -20.45 -13.83 -13.50
CA ASP A 310 -20.19 -13.63 -14.95
C ASP A 310 -18.76 -14.02 -15.37
N GLY A 311 -17.96 -14.63 -14.49
CA GLY A 311 -16.63 -15.05 -14.87
C GLY A 311 -15.59 -13.95 -14.89
N LYS A 312 -15.82 -12.85 -14.19
CA LYS A 312 -14.85 -11.77 -14.15
C LYS A 312 -14.42 -11.52 -12.71
N LEU A 313 -13.20 -10.99 -12.56
CA LEU A 313 -12.64 -10.61 -11.28
C LEU A 313 -12.88 -9.12 -11.05
N TYR A 314 -13.64 -8.79 -10.01
CA TYR A 314 -14.00 -7.41 -9.73
C TYR A 314 -13.21 -6.89 -8.53
N ALA A 315 -12.53 -5.76 -8.73
CA ALA A 315 -11.68 -5.17 -7.70
C ALA A 315 -12.29 -3.87 -7.19
N ILE A 316 -12.23 -3.69 -5.88
CA ILE A 316 -12.53 -2.41 -5.25
C ILE A 316 -11.31 -1.95 -4.47
N ASN A 317 -11.21 -0.63 -4.32
CA ASN A 317 -10.22 -0.05 -3.43
C ASN A 317 -10.89 0.13 -2.07
N PRO A 318 -10.45 -0.56 -1.03
CA PRO A 318 -11.11 -0.44 0.28
C PRO A 318 -10.77 0.83 1.03
N GLU A 319 -9.80 1.61 0.56
CA GLU A 319 -9.40 2.84 1.23
C GLU A 319 -10.14 4.03 0.64
N ALA A 320 -10.06 5.16 1.35
CA ALA A 320 -10.73 6.39 0.93
C ALA A 320 -9.75 7.50 0.61
N GLY A 321 -8.46 7.28 0.83
CA GLY A 321 -7.48 8.31 0.56
C GLY A 321 -6.13 7.68 0.27
N TYR A 322 -5.12 8.53 0.12
CA TYR A 322 -3.76 8.10 -0.13
C TYR A 322 -2.89 8.42 1.07
N PHE A 323 -2.06 7.46 1.46
CA PHE A 323 -1.04 7.61 2.50
C PHE A 323 0.27 7.27 1.82
N GLY A 324 0.81 8.22 1.08
CA GLY A 324 1.87 7.96 0.12
C GLY A 324 3.24 8.43 0.60
N VAL A 325 4.28 7.77 0.09
CA VAL A 325 5.65 8.22 0.34
C VAL A 325 5.91 9.50 -0.44
N ALA A 326 6.37 10.53 0.26
CA ALA A 326 6.54 11.85 -0.32
C ALA A 326 7.82 11.96 -1.15
N PRO A 327 9.00 11.61 -0.63
CA PRO A 327 10.23 11.87 -1.40
C PRO A 327 10.19 11.23 -2.77
N GLY A 328 10.67 11.97 -3.76
CA GLY A 328 10.61 11.55 -5.14
C GLY A 328 9.41 12.08 -5.92
N THR A 329 8.43 12.67 -5.24
CA THR A 329 7.24 13.19 -5.91
C THR A 329 7.52 14.60 -6.41
N ASN A 330 7.21 14.85 -7.68
CA ASN A 330 7.36 16.17 -8.28
C ASN A 330 6.47 16.21 -9.52
N MET A 331 6.44 17.37 -10.18
CA MET A 331 5.56 17.52 -11.34
C MET A 331 6.03 16.69 -12.53
N LEU A 332 7.27 16.20 -12.52
CA LEU A 332 7.75 15.33 -13.59
C LEU A 332 7.36 13.87 -13.36
N THR A 333 7.63 13.35 -12.16
CA THR A 333 7.34 11.95 -11.88
C THR A 333 5.84 11.71 -11.67
N ASN A 334 5.13 12.69 -11.11
CA ASN A 334 3.75 12.43 -10.72
C ASN A 334 2.98 13.74 -10.53
N PRO A 335 2.62 14.43 -11.61
CA PRO A 335 1.85 15.69 -11.44
C PRO A 335 0.48 15.49 -10.82
N ASN A 336 -0.18 14.36 -11.03
CA ASN A 336 -1.47 14.16 -10.37
C ASN A 336 -1.32 14.08 -8.87
N CYS A 337 -0.25 13.44 -8.39
CA CYS A 337 -0.02 13.37 -6.95
C CYS A 337 0.36 14.74 -6.40
N MET A 338 1.20 15.49 -7.12
CA MET A 338 1.54 16.85 -6.71
C MET A 338 0.31 17.73 -6.61
N LEU A 339 -0.57 17.66 -7.61
CA LEU A 339 -1.81 18.42 -7.54
C LEU A 339 -2.68 17.97 -6.36
N SER A 340 -2.67 16.65 -6.08
CA SER A 340 -3.49 16.12 -4.99
C SER A 340 -3.13 16.75 -3.66
N VAL A 341 -1.84 16.97 -3.41
CA VAL A 341 -1.38 17.43 -2.10
C VAL A 341 -1.24 18.97 -2.08
N ARG A 342 -1.92 19.67 -2.99
CA ARG A 342 -1.94 21.13 -2.98
C ARG A 342 -2.57 21.68 -1.70
N GLY A 343 -3.47 20.93 -1.09
CA GLY A 343 -4.13 21.37 0.13
C GLY A 343 -4.84 20.21 0.78
N ASN A 344 -5.42 20.49 1.95
CA ASN A 344 -6.18 19.51 2.73
C ASN A 344 -5.36 18.25 3.02
N THR A 345 -4.07 18.43 3.28
CA THR A 345 -3.14 17.31 3.39
C THR A 345 -2.46 17.33 4.76
N ILE A 346 -2.20 16.15 5.31
CA ILE A 346 -1.34 16.00 6.47
C ILE A 346 -0.01 15.46 5.98
N PHE A 347 1.06 16.19 6.26
CA PHE A 347 2.42 15.76 5.92
C PHE A 347 3.14 15.30 7.18
N THR A 348 3.84 14.17 7.08
CA THR A 348 4.55 13.60 8.22
C THR A 348 6.02 13.45 7.86
N ASN A 349 6.87 14.15 8.61
CA ASN A 349 8.33 14.02 8.52
C ASN A 349 8.91 14.56 7.21
N VAL A 350 8.24 15.53 6.59
CA VAL A 350 8.87 16.25 5.48
C VAL A 350 9.49 17.52 6.02
N ALA A 351 10.11 18.31 5.16
CA ALA A 351 10.82 19.50 5.57
C ALA A 351 9.91 20.74 5.49
N LEU A 352 10.33 21.78 6.20
CA LEU A 352 9.58 23.04 6.28
C LEU A 352 10.41 24.14 5.61
N THR A 353 9.81 24.83 4.64
CA THR A 353 10.49 25.91 3.94
C THR A 353 10.40 27.20 4.74
N ASP A 354 11.13 28.22 4.27
CA ASP A 354 11.17 29.49 4.98
C ASP A 354 9.83 30.22 4.89
N ASP A 355 9.04 29.98 3.85
CA ASP A 355 7.72 30.57 3.71
C ASP A 355 6.60 29.68 4.25
N GLY A 356 6.92 28.70 5.09
CA GLY A 356 5.89 27.91 5.73
C GLY A 356 5.24 26.87 4.84
N ASP A 357 5.93 26.47 3.77
CA ASP A 357 5.52 25.39 2.89
C ASP A 357 6.32 24.14 3.23
N VAL A 358 6.10 23.06 2.49
CA VAL A 358 6.80 21.81 2.72
C VAL A 358 7.75 21.53 1.57
N TRP A 359 8.74 20.68 1.83
CA TRP A 359 9.72 20.31 0.83
C TRP A 359 10.19 18.89 1.11
N TRP A 360 10.51 18.17 0.04
CA TRP A 360 11.09 16.85 0.16
C TRP A 360 12.00 16.60 -1.03
N GLU A 361 13.00 15.74 -0.81
CA GLU A 361 13.93 15.38 -1.87
C GLU A 361 13.18 14.95 -3.13
N GLY A 362 13.57 15.56 -4.26
CA GLY A 362 12.91 15.36 -5.53
C GLY A 362 12.12 16.56 -6.00
N MET A 363 11.66 17.40 -5.06
CA MET A 363 10.92 18.60 -5.46
C MET A 363 11.81 19.61 -6.18
N GLU A 364 13.12 19.53 -6.03
CA GLU A 364 13.98 20.45 -6.77
C GLU A 364 13.89 20.22 -8.27
N GLN A 365 13.37 19.07 -8.71
CA GLN A 365 13.25 18.83 -10.15
C GLN A 365 12.30 19.83 -10.81
N ASP A 366 11.40 20.44 -10.03
CA ASP A 366 10.46 21.43 -10.54
C ASP A 366 11.00 22.85 -10.48
N ALA A 367 12.10 23.09 -9.76
CA ALA A 367 12.63 24.42 -9.54
C ALA A 367 13.50 24.86 -10.71
N PRO A 368 13.58 26.16 -10.98
CA PRO A 368 14.48 26.63 -12.05
C PRO A 368 15.91 26.17 -11.78
N GLY A 369 16.54 25.63 -12.82
CA GLY A 369 17.86 25.05 -12.71
C GLY A 369 17.93 23.79 -11.87
N LYS A 370 16.78 23.26 -11.45
CA LYS A 370 16.71 22.14 -10.50
C LYS A 370 17.47 22.45 -9.22
N ALA A 371 17.52 23.72 -8.83
CA ALA A 371 18.31 24.13 -7.68
C ALA A 371 17.64 23.73 -6.37
N LEU A 372 18.44 23.26 -5.42
CA LEU A 372 17.96 22.94 -4.09
C LEU A 372 17.60 24.23 -3.33
N PRO A 373 16.73 24.13 -2.33
CA PRO A 373 16.48 25.30 -1.48
C PRO A 373 17.72 25.66 -0.68
N ASP A 374 17.86 26.97 -0.42
N ASP A 374 17.86 26.96 -0.40
CA ASP A 374 19.03 27.46 0.32
CA ASP A 374 19.04 27.44 0.31
C ASP A 374 18.98 26.99 1.77
C ASP A 374 18.99 27.08 1.79
N HIS A 375 17.79 26.95 2.36
CA HIS A 375 17.65 26.61 3.76
C HIS A 375 16.30 25.94 3.99
N LEU A 376 16.28 24.95 4.89
CA LEU A 376 15.06 24.31 5.33
C LEU A 376 15.21 23.97 6.80
N ILE A 377 14.07 23.66 7.43
CA ILE A 377 14.06 22.97 8.71
C ILE A 377 13.74 21.51 8.40
N ASP A 378 14.64 20.59 8.75
CA ASP A 378 14.42 19.22 8.37
C ASP A 378 13.42 18.55 9.31
N TRP A 379 13.12 17.28 9.04
CA TRP A 379 12.11 16.55 9.80
C TRP A 379 12.50 16.34 11.25
N GLN A 380 13.74 16.62 11.64
CA GLN A 380 14.15 16.55 13.03
C GLN A 380 14.23 17.92 13.69
N GLY A 381 13.79 18.97 13.01
CA GLY A 381 13.83 20.30 13.58
C GLY A 381 15.16 21.00 13.47
N LYS A 382 16.10 20.45 12.72
CA LYS A 382 17.42 21.02 12.57
C LYS A 382 17.48 21.94 11.36
N ASP A 383 18.38 22.92 11.42
CA ASP A 383 18.72 23.68 10.23
C ASP A 383 19.28 22.75 9.16
N TRP A 384 18.83 22.94 7.93
CA TRP A 384 19.28 22.15 6.79
C TRP A 384 19.66 23.09 5.67
N THR A 385 20.80 22.82 5.04
CA THR A 385 21.23 23.50 3.83
C THR A 385 21.88 22.45 2.95
N PRO A 386 22.03 22.71 1.65
CA PRO A 386 22.76 21.77 0.80
C PRO A 386 24.13 21.43 1.36
N GLN A 387 24.84 22.41 1.92
CA GLN A 387 26.15 22.16 2.49
C GLN A 387 26.06 21.30 3.74
N ILE A 388 25.11 21.60 4.63
CA ILE A 388 24.89 20.73 5.79
C ILE A 388 24.55 19.32 5.34
N ALA A 389 23.69 19.20 4.34
CA ALA A 389 23.38 17.89 3.77
C ALA A 389 24.65 17.19 3.27
N LYS A 390 25.56 17.96 2.65
CA LYS A 390 26.81 17.37 2.17
C LYS A 390 27.69 16.93 3.34
N GLU A 391 27.75 17.73 4.40
CA GLU A 391 28.65 17.44 5.52
C GLU A 391 28.12 16.33 6.42
N THR A 392 26.82 16.33 6.71
CA THR A 392 26.24 15.37 7.64
C THR A 392 25.47 14.23 6.96
N GLY A 393 25.18 14.35 5.67
CA GLY A 393 24.40 13.34 4.97
C GLY A 393 22.92 13.38 5.27
N ALA A 394 22.45 14.36 6.04
CA ALA A 394 21.05 14.40 6.47
C ALA A 394 20.14 14.72 5.29
N LYS A 395 19.07 13.96 5.16
CA LYS A 395 18.01 14.32 4.24
C LYS A 395 17.05 15.29 4.91
N ALA A 396 16.51 16.23 4.12
CA ALA A 396 15.58 17.19 4.67
C ALA A 396 14.29 16.50 5.11
N ALA A 397 13.75 15.63 4.27
CA ALA A 397 12.59 14.82 4.59
C ALA A 397 13.03 13.39 4.85
N HIS A 398 12.44 12.77 5.87
CA HIS A 398 12.76 11.38 6.14
C HIS A 398 12.41 10.53 4.91
N PRO A 399 13.20 9.49 4.63
CA PRO A 399 12.90 8.66 3.46
C PRO A 399 11.51 8.06 3.47
N ASN A 400 10.94 7.79 4.64
CA ASN A 400 9.61 7.23 4.76
C ASN A 400 8.57 8.29 5.08
N SER A 401 8.91 9.57 4.86
CA SER A 401 7.95 10.65 5.08
C SER A 401 6.75 10.49 4.15
N ARG A 402 5.62 11.05 4.59
CA ARG A 402 4.32 10.71 4.05
C ARG A 402 3.47 11.95 3.79
N PHE A 403 2.54 11.83 2.86
CA PHE A 403 1.38 12.70 2.80
C PHE A 403 0.14 11.84 3.04
N THR A 404 -0.88 12.45 3.65
CA THR A 404 -2.19 11.84 3.79
C THR A 404 -3.20 12.78 3.15
N VAL A 405 -3.97 12.29 2.17
CA VAL A 405 -4.88 13.17 1.46
C VAL A 405 -6.06 12.36 0.92
N ALA A 406 -7.22 13.01 0.86
CA ALA A 406 -8.43 12.35 0.38
C ALA A 406 -8.31 12.01 -1.10
N ALA A 407 -8.89 10.86 -1.48
CA ALA A 407 -8.83 10.44 -2.88
C ALA A 407 -9.44 11.46 -3.81
N THR A 408 -10.48 12.17 -3.36
CA THR A 408 -11.15 13.16 -4.19
C THR A 408 -10.28 14.37 -4.52
N ASN A 409 -9.11 14.51 -3.91
CA ASN A 409 -8.16 15.55 -4.34
C ASN A 409 -7.45 15.19 -5.63
N ASN A 410 -7.55 13.94 -6.07
CA ASN A 410 -6.80 13.48 -7.23
C ASN A 410 -7.51 13.90 -8.51
N PRO A 411 -6.91 14.75 -9.36
CA PRO A 411 -7.58 15.13 -10.61
C PRO A 411 -7.86 13.94 -11.51
N ALA A 412 -7.10 12.86 -11.39
CA ALA A 412 -7.28 11.69 -12.23
C ALA A 412 -8.08 10.59 -11.55
N LEU A 413 -8.80 10.92 -10.46
CA LEU A 413 -9.63 9.94 -9.79
C LEU A 413 -10.65 9.36 -10.74
N ASP A 414 -10.75 8.04 -10.77
CA ASP A 414 -11.71 7.37 -11.63
C ASP A 414 -13.13 7.59 -11.11
N SER A 415 -14.07 7.71 -12.05
CA SER A 415 -15.45 7.93 -11.67
C SER A 415 -16.03 6.77 -10.87
N ALA A 416 -15.47 5.57 -11.01
CA ALA A 416 -15.99 4.40 -10.30
C ALA A 416 -15.16 4.06 -9.07
N TRP A 417 -14.38 5.02 -8.56
CA TRP A 417 -13.45 4.72 -7.48
C TRP A 417 -14.17 4.26 -6.22
N ASP A 418 -15.41 4.69 -6.01
CA ASP A 418 -16.19 4.29 -4.85
C ASP A 418 -17.43 3.49 -5.26
N ASP A 419 -17.40 2.90 -6.44
CA ASP A 419 -18.49 2.07 -6.90
C ASP A 419 -18.41 0.72 -6.20
N PRO A 420 -19.42 0.31 -5.43
CA PRO A 420 -19.34 -0.99 -4.74
C PRO A 420 -19.29 -2.19 -5.67
N LYS A 421 -19.73 -2.04 -6.92
CA LYS A 421 -19.68 -3.18 -7.84
C LYS A 421 -18.26 -3.50 -8.26
N GLY A 422 -17.32 -2.59 -8.04
CA GLY A 422 -15.95 -2.79 -8.46
C GLY A 422 -15.79 -2.69 -9.97
N VAL A 423 -14.57 -2.97 -10.42
CA VAL A 423 -14.21 -2.91 -11.84
C VAL A 423 -13.59 -4.23 -12.23
N ALA A 424 -13.92 -4.70 -13.44
CA ALA A 424 -13.39 -5.96 -13.93
C ALA A 424 -11.93 -5.82 -14.30
N ILE A 425 -11.10 -6.69 -13.74
CA ILE A 425 -9.66 -6.64 -13.99
C ILE A 425 -9.34 -7.40 -15.27
N ASP A 426 -8.71 -6.71 -16.21
CA ASP A 426 -8.30 -7.28 -17.48
C ASP A 426 -6.88 -7.81 -17.47
N ALA A 427 -6.03 -7.31 -16.56
CA ALA A 427 -4.67 -7.79 -16.45
C ALA A 427 -4.10 -7.47 -15.08
N PHE A 428 -3.23 -8.34 -14.59
CA PHE A 428 -2.41 -8.09 -13.43
C PHE A 428 -0.99 -7.76 -13.88
N ILE A 429 -0.35 -6.82 -13.21
CA ILE A 429 1.05 -6.46 -13.47
C ILE A 429 1.85 -6.67 -12.20
N PHE A 430 3.00 -7.32 -12.33
CA PHE A 430 3.91 -7.53 -11.20
C PHE A 430 5.24 -6.90 -11.55
N GLY A 431 5.58 -5.80 -10.87
CA GLY A 431 6.79 -5.07 -11.13
C GLY A 431 7.96 -5.57 -10.33
N GLY A 432 9.03 -4.80 -10.36
CA GLY A 432 10.27 -5.11 -9.67
C GLY A 432 11.38 -4.29 -10.25
N ARG A 433 12.44 -4.13 -9.46
CA ARG A 433 13.58 -3.32 -9.85
C ARG A 433 14.77 -4.26 -10.04
N ARG A 434 15.15 -4.50 -11.30
CA ARG A 434 16.22 -5.42 -11.63
C ARG A 434 17.15 -4.77 -12.65
N SER A 435 18.43 -4.63 -12.29
CA SER A 435 19.40 -4.03 -13.20
C SER A 435 19.68 -4.92 -14.39
N THR A 436 19.51 -6.23 -14.22
CA THR A 436 19.75 -7.23 -15.24
C THR A 436 18.55 -8.15 -15.36
N THR A 437 18.63 -9.05 -16.34
CA THR A 437 17.90 -10.31 -16.41
C THR A 437 16.43 -10.17 -16.84
N VAL A 438 15.64 -9.38 -16.10
CA VAL A 438 14.20 -9.34 -16.32
C VAL A 438 13.86 -8.33 -17.40
N PRO A 439 13.13 -8.72 -18.45
CA PRO A 439 12.81 -7.80 -19.54
C PRO A 439 11.86 -6.69 -19.10
N LEU A 440 11.85 -5.62 -19.91
CA LEU A 440 10.96 -4.48 -19.69
C LEU A 440 9.53 -4.93 -19.40
N VAL A 441 9.01 -5.82 -20.23
CA VAL A 441 7.70 -6.39 -19.99
C VAL A 441 7.66 -7.78 -20.61
N THR A 442 7.04 -8.71 -19.88
CA THR A 442 6.80 -10.07 -20.33
C THR A 442 5.38 -10.47 -20.00
N GLU A 443 4.70 -11.08 -20.96
CA GLU A 443 3.37 -11.64 -20.74
C GLU A 443 3.52 -13.13 -20.41
N ALA A 444 2.94 -13.54 -19.30
CA ALA A 444 2.87 -14.96 -18.97
C ALA A 444 2.05 -15.71 -20.01
N ARG A 445 2.53 -16.91 -20.37
CA ARG A 445 1.77 -17.74 -21.30
C ARG A 445 0.53 -18.35 -20.68
N SER A 446 0.47 -18.44 -19.35
CA SER A 446 -0.66 -19.07 -18.68
C SER A 446 -0.83 -18.43 -17.30
N TRP A 447 -1.98 -18.70 -16.70
CA TRP A 447 -2.24 -18.24 -15.34
C TRP A 447 -1.19 -18.78 -14.38
N VAL A 448 -0.93 -20.08 -14.42
CA VAL A 448 0.07 -20.68 -13.53
C VAL A 448 1.43 -20.00 -13.72
N GLU A 449 1.82 -19.76 -14.97
CA GLU A 449 3.12 -19.14 -15.18
C GLU A 449 3.14 -17.69 -14.71
N GLY A 450 1.99 -17.01 -14.75
CA GLY A 450 1.88 -15.70 -14.14
C GLY A 450 2.03 -15.72 -12.63
N VAL A 451 1.40 -16.70 -11.98
CA VAL A 451 1.58 -16.86 -10.53
C VAL A 451 3.04 -17.14 -10.19
N TYR A 452 3.72 -17.93 -11.03
CA TYR A 452 5.14 -18.16 -10.84
C TYR A 452 5.92 -16.84 -10.89
N MET A 453 5.62 -16.01 -11.90
CA MET A 453 6.24 -14.70 -12.01
C MET A 453 5.99 -13.87 -10.75
N ALA A 454 4.75 -13.84 -10.28
CA ALA A 454 4.44 -13.05 -9.09
C ALA A 454 5.13 -13.62 -7.86
N ALA A 455 5.19 -14.95 -7.75
CA ALA A 455 5.80 -15.59 -6.60
C ALA A 455 7.30 -15.31 -6.52
N THR A 456 7.96 -15.13 -7.67
CA THR A 456 9.41 -15.02 -7.72
C THR A 456 9.90 -13.60 -7.98
N MET A 457 9.03 -12.61 -7.93
CA MET A 457 9.46 -11.24 -8.23
C MET A 457 10.43 -10.73 -7.17
N GLY A 458 11.38 -9.90 -7.62
CA GLY A 458 12.39 -9.36 -6.73
C GLY A 458 12.74 -7.93 -7.08
N SER A 459 13.46 -7.30 -6.16
CA SER A 459 13.87 -5.90 -6.28
C SER A 459 15.25 -5.74 -5.66
N GLU A 460 16.03 -4.85 -6.26
CA GLU A 460 17.37 -4.53 -5.73
C GLU A 460 17.33 -3.45 -4.65
N VAL A 471 21.20 -5.83 -2.57
CA VAL A 471 21.15 -6.94 -3.53
C VAL A 471 19.70 -7.16 -3.96
N VAL A 472 19.46 -8.25 -4.67
CA VAL A 472 18.10 -8.60 -5.10
C VAL A 472 17.38 -9.26 -3.93
N ARG A 473 16.27 -8.65 -3.50
CA ARG A 473 15.46 -9.17 -2.42
C ARG A 473 14.12 -9.63 -2.98
N ARG A 474 13.74 -10.86 -2.66
CA ARG A 474 12.48 -11.39 -3.16
C ARG A 474 11.31 -10.86 -2.34
N ASP A 475 10.22 -10.57 -3.01
CA ASP A 475 9.01 -10.03 -2.38
C ASP A 475 7.81 -10.58 -3.12
N PRO A 476 7.43 -11.83 -2.83
CA PRO A 476 6.37 -12.49 -3.61
C PRO A 476 5.07 -11.70 -3.57
N PHE A 477 4.54 -11.41 -4.76
CA PHE A 477 3.31 -10.64 -4.92
C PHE A 477 3.37 -9.28 -4.21
N ALA A 478 4.58 -8.81 -3.88
CA ALA A 478 4.77 -7.61 -3.05
C ALA A 478 4.05 -7.74 -1.71
N MET A 479 3.88 -8.97 -1.23
CA MET A 479 3.14 -9.26 -0.01
C MET A 479 4.02 -9.78 1.12
N LEU A 480 5.35 -9.77 0.94
CA LEU A 480 6.23 -10.33 1.95
C LEU A 480 5.99 -9.81 3.37
N PRO A 481 5.76 -8.50 3.60
CA PRO A 481 5.45 -8.03 4.96
C PRO A 481 3.97 -8.02 5.31
N PHE A 482 3.09 -8.51 4.45
CA PHE A 482 1.66 -8.32 4.62
C PHE A 482 0.82 -9.58 4.50
N MET A 483 1.42 -10.73 4.25
CA MET A 483 0.64 -11.96 4.16
C MET A 483 0.07 -12.32 5.52
N GLY A 484 -1.25 -12.48 5.59
CA GLY A 484 -1.93 -12.88 6.80
C GLY A 484 -1.89 -14.35 7.12
N TYR A 485 -1.26 -15.17 6.29
CA TYR A 485 -1.17 -16.61 6.54
C TYR A 485 0.04 -17.14 5.76
N ASN A 486 0.13 -18.46 5.65
CA ASN A 486 1.33 -19.07 5.09
C ASN A 486 1.44 -18.74 3.61
N MET A 487 2.61 -18.21 3.22
CA MET A 487 2.81 -17.70 1.86
C MET A 487 2.52 -18.76 0.81
N SER A 488 2.90 -20.01 1.08
CA SER A 488 2.69 -21.07 0.12
C SER A 488 1.21 -21.40 -0.05
N ASP A 489 0.42 -21.31 1.03
CA ASP A 489 -1.03 -21.49 0.90
C ASP A 489 -1.64 -20.35 0.11
N TYR A 490 -1.06 -19.15 0.24
CA TYR A 490 -1.49 -18.01 -0.55
C TYR A 490 -1.25 -18.25 -2.04
N PHE A 491 -0.05 -18.74 -2.40
CA PHE A 491 0.19 -19.16 -3.78
C PHE A 491 -0.89 -20.13 -4.24
N GLN A 492 -1.24 -21.10 -3.39
CA GLN A 492 -2.23 -22.10 -3.77
C GLN A 492 -3.60 -21.48 -3.96
N HIS A 493 -3.93 -20.48 -3.14
CA HIS A 493 -5.19 -19.76 -3.27
C HIS A 493 -5.29 -19.11 -4.65
N TRP A 494 -4.21 -18.46 -5.11
CA TRP A 494 -4.21 -17.87 -6.44
C TRP A 494 -4.37 -18.91 -7.53
N LEU A 495 -3.70 -20.05 -7.40
CA LEU A 495 -3.82 -21.10 -8.42
C LEU A 495 -5.23 -21.67 -8.45
N ASP A 496 -5.78 -22.00 -7.28
CA ASP A 496 -7.12 -22.55 -7.20
C ASP A 496 -8.16 -21.56 -7.71
N LEU A 497 -7.99 -20.27 -7.37
CA LEU A 497 -8.94 -19.27 -7.83
C LEU A 497 -8.95 -19.18 -9.35
N GLY A 498 -7.78 -19.28 -9.97
CA GLY A 498 -7.73 -19.25 -11.43
C GLY A 498 -8.39 -20.47 -12.05
N LYS A 499 -8.06 -21.66 -11.51
CA LYS A 499 -8.68 -22.89 -11.99
C LYS A 499 -10.20 -22.81 -11.89
N LYS A 500 -10.71 -22.32 -10.75
CA LYS A 500 -12.15 -22.28 -10.57
C LYS A 500 -12.78 -21.28 -11.53
N LEU A 501 -12.10 -20.17 -11.79
CA LEU A 501 -12.60 -19.18 -12.74
C LEU A 501 -12.61 -19.75 -14.16
N ALA A 502 -11.50 -20.35 -14.59
CA ALA A 502 -11.44 -20.93 -15.93
C ALA A 502 -12.42 -22.09 -16.09
N ALA A 503 -12.72 -22.80 -14.99
CA ALA A 503 -13.69 -23.89 -15.04
C ALA A 503 -15.09 -23.38 -15.34
N SER A 504 -15.42 -22.16 -14.90
CA SER A 504 -16.69 -21.57 -15.28
C SER A 504 -16.65 -21.00 -16.69
N GLY A 505 -15.66 -21.39 -17.50
CA GLY A 505 -15.50 -20.92 -18.85
C GLY A 505 -14.83 -19.58 -19.00
N ALA A 506 -14.62 -18.86 -17.90
CA ALA A 506 -14.18 -17.47 -17.93
C ALA A 506 -12.85 -17.30 -18.64
N THR A 507 -12.59 -16.06 -19.07
CA THR A 507 -11.30 -15.66 -19.62
C THR A 507 -10.50 -15.03 -18.50
N LEU A 508 -9.41 -15.68 -18.12
CA LEU A 508 -8.62 -15.19 -17.01
C LEU A 508 -7.86 -13.93 -17.42
N PRO A 509 -7.71 -12.97 -16.52
CA PRO A 509 -6.88 -11.80 -16.82
C PRO A 509 -5.47 -12.22 -17.21
N LYS A 510 -4.90 -11.48 -18.17
CA LYS A 510 -3.48 -11.61 -18.48
C LYS A 510 -2.65 -11.25 -17.25
N ILE A 511 -1.45 -11.83 -17.16
CA ILE A 511 -0.49 -11.49 -16.13
C ILE A 511 0.80 -11.07 -16.81
N TYR A 512 1.36 -9.93 -16.38
CA TYR A 512 2.61 -9.41 -16.91
C TYR A 512 3.58 -9.19 -15.76
N THR A 513 4.87 -9.34 -16.06
CA THR A 513 5.91 -8.77 -15.23
C THR A 513 6.55 -7.61 -15.98
N THR A 514 6.84 -6.54 -15.26
CA THR A 514 7.48 -5.37 -15.81
C THR A 514 8.76 -5.08 -15.03
N ASN A 515 9.66 -4.34 -15.68
CA ASN A 515 10.93 -3.94 -15.08
C ASN A 515 11.36 -2.63 -15.72
N TRP A 516 11.24 -1.53 -14.97
CA TRP A 516 11.60 -0.23 -15.53
C TRP A 516 13.08 0.06 -15.43
N PHE A 517 13.86 -0.80 -14.79
CA PHE A 517 15.15 -0.40 -14.25
C PHE A 517 16.33 -1.24 -14.75
N ARG A 518 16.21 -1.87 -15.92
CA ARG A 518 17.37 -2.44 -16.57
C ARG A 518 18.41 -1.35 -16.84
N LYS A 519 19.68 -1.70 -16.64
CA LYS A 519 20.78 -0.76 -16.80
C LYS A 519 21.50 -1.02 -18.11
N GLY A 520 21.94 0.06 -18.76
CA GLY A 520 22.72 -0.04 -19.97
C GLY A 520 24.19 -0.28 -19.66
N THR A 521 25.00 -0.27 -20.73
CA THR A 521 26.42 -0.54 -20.56
C THR A 521 27.14 0.55 -19.78
N ASP A 522 26.51 1.70 -19.57
CA ASP A 522 27.10 2.77 -18.78
C ASP A 522 26.54 2.82 -17.36
N GLY A 523 25.75 1.83 -16.96
CA GLY A 523 25.20 1.79 -15.63
C GLY A 523 23.99 2.67 -15.38
N LYS A 524 23.53 3.41 -16.38
CA LYS A 524 22.34 4.23 -16.24
C LYS A 524 21.10 3.44 -16.64
N PHE A 525 19.94 3.88 -16.15
CA PHE A 525 18.69 3.29 -16.60
C PHE A 525 18.45 3.65 -18.06
N VAL A 526 18.15 2.64 -18.87
CA VAL A 526 17.89 2.87 -20.28
C VAL A 526 16.46 3.33 -20.51
N TRP A 527 15.51 2.72 -19.82
CA TRP A 527 14.09 3.04 -20.00
C TRP A 527 13.76 4.35 -19.29
N PRO A 528 13.20 5.34 -19.99
CA PRO A 528 12.90 6.62 -19.33
C PRO A 528 11.81 6.53 -18.28
N GLY A 529 10.88 5.58 -18.39
CA GLY A 529 9.93 5.40 -17.32
C GLY A 529 8.94 6.55 -17.18
N TYR A 530 8.31 6.62 -16.00
CA TYR A 530 7.29 7.62 -15.66
C TYR A 530 6.22 7.58 -16.75
N GLY A 531 5.88 8.72 -17.36
CA GLY A 531 4.80 8.73 -18.33
C GLY A 531 5.03 7.81 -19.52
N GLU A 532 6.29 7.52 -19.83
CA GLU A 532 6.54 6.64 -20.96
C GLU A 532 6.11 5.20 -20.69
N ASN A 533 5.85 4.84 -19.42
CA ASN A 533 5.30 3.53 -19.13
C ASN A 533 3.97 3.28 -19.83
N MET A 534 3.28 4.34 -20.25
CA MET A 534 2.08 4.22 -21.07
C MET A 534 2.32 3.37 -22.31
N ARG A 535 3.54 3.42 -22.87
CA ARG A 535 3.80 2.66 -24.10
C ARG A 535 3.78 1.16 -23.83
N VAL A 536 4.24 0.74 -22.65
CA VAL A 536 4.15 -0.66 -22.25
C VAL A 536 2.69 -1.03 -21.95
N LEU A 537 1.99 -0.16 -21.22
CA LEU A 537 0.59 -0.41 -20.90
C LEU A 537 -0.25 -0.56 -22.17
N ALA A 538 0.04 0.26 -23.19
CA ALA A 538 -0.70 0.18 -24.44
C ALA A 538 -0.45 -1.15 -25.16
N TRP A 539 0.76 -1.71 -25.04
CA TRP A 539 0.99 -3.03 -25.59
C TRP A 539 0.14 -4.08 -24.88
N MET A 540 0.09 -4.02 -23.55
CA MET A 540 -0.79 -4.91 -22.81
C MET A 540 -2.22 -4.82 -23.33
N ILE A 541 -2.70 -3.60 -23.54
CA ILE A 541 -4.05 -3.39 -24.08
C ILE A 541 -4.21 -4.09 -25.42
N ASP A 542 -3.23 -3.93 -26.32
CA ASP A 542 -3.30 -4.62 -27.61
C ASP A 542 -3.36 -6.13 -27.41
N ARG A 543 -2.60 -6.65 -26.45
CA ARG A 543 -2.62 -8.08 -26.18
C ARG A 543 -3.98 -8.51 -25.66
N ILE A 544 -4.55 -7.72 -24.74
CA ILE A 544 -5.87 -8.04 -24.19
C ILE A 544 -6.92 -8.11 -25.31
N GLU A 545 -6.79 -7.25 -26.32
CA GLU A 545 -7.71 -7.26 -27.45
C GLU A 545 -7.36 -8.31 -28.50
N GLY A 546 -6.27 -9.04 -28.32
CA GLY A 546 -5.87 -10.06 -29.29
C GLY A 546 -5.22 -9.51 -30.53
N LYS A 547 -4.90 -8.22 -30.58
CA LYS A 547 -4.32 -7.60 -31.75
C LYS A 547 -2.83 -7.30 -31.57
N GLY A 548 -2.26 -7.54 -30.40
CA GLY A 548 -0.86 -7.27 -30.17
C GLY A 548 0.01 -8.47 -30.50
N GLN A 549 1.14 -8.18 -31.15
CA GLN A 549 2.14 -9.20 -31.46
C GLN A 549 3.20 -9.27 -30.37
N GLY A 550 3.99 -10.33 -30.41
CA GLY A 550 5.07 -10.47 -29.45
C GLY A 550 5.96 -11.64 -29.83
N GLU A 551 7.12 -11.67 -29.20
CA GLU A 551 8.10 -12.72 -29.40
C GLU A 551 8.03 -13.71 -28.24
N ASP A 552 7.88 -14.99 -28.56
CA ASP A 552 7.88 -16.04 -27.55
C ASP A 552 9.31 -16.36 -27.13
N HIS A 553 9.55 -16.44 -25.82
CA HIS A 553 10.89 -16.75 -25.32
C HIS A 553 10.76 -17.64 -24.09
N VAL A 554 11.89 -17.85 -23.41
CA VAL A 554 11.97 -18.90 -22.38
C VAL A 554 10.97 -18.66 -21.25
N THR A 555 10.65 -17.40 -20.93
CA THR A 555 9.79 -17.12 -19.79
C THR A 555 8.40 -16.62 -20.17
N GLY A 556 8.16 -16.29 -21.43
CA GLY A 556 6.84 -15.80 -21.80
C GLY A 556 6.88 -15.12 -23.16
N ILE A 557 6.06 -14.10 -23.30
CA ILE A 557 5.96 -13.35 -24.54
C ILE A 557 6.32 -11.89 -24.25
N SER A 558 7.22 -11.33 -25.05
CA SER A 558 7.59 -9.94 -24.91
C SER A 558 7.41 -9.23 -26.25
N PRO A 559 7.07 -7.95 -26.22
CA PRO A 559 6.96 -7.20 -27.47
C PRO A 559 8.30 -7.06 -28.16
N SER A 560 8.25 -7.02 -29.48
CA SER A 560 9.37 -6.52 -30.25
C SER A 560 9.30 -4.99 -30.31
N TYR A 561 10.41 -4.37 -30.73
CA TYR A 561 10.45 -2.92 -30.85
C TYR A 561 9.27 -2.39 -31.66
N GLU A 562 9.03 -3.00 -32.82
CA GLU A 562 7.97 -2.54 -33.71
C GLU A 562 6.58 -2.69 -33.12
N ASP A 563 6.43 -3.41 -32.01
CA ASP A 563 5.11 -3.64 -31.43
C ASP A 563 4.64 -2.51 -30.52
N LEU A 564 5.51 -1.55 -30.20
CA LEU A 564 5.13 -0.43 -29.36
C LEU A 564 5.03 0.84 -30.19
N ASN A 565 4.29 1.79 -29.64
CA ASN A 565 4.08 3.09 -30.26
C ASN A 565 5.16 4.04 -29.75
N TRP A 566 6.05 4.47 -30.64
CA TRP A 566 7.15 5.35 -30.28
C TRP A 566 6.88 6.80 -30.63
N THR A 567 5.69 7.11 -31.13
CA THR A 567 5.34 8.50 -31.43
C THR A 567 5.55 9.39 -30.22
N GLY A 568 6.40 10.40 -30.38
CA GLY A 568 6.67 11.34 -29.32
C GLY A 568 7.82 10.98 -28.39
N LEU A 569 8.55 9.90 -28.66
CA LEU A 569 9.70 9.54 -27.82
C LEU A 569 10.85 9.07 -28.72
N ASP A 570 12.00 9.72 -28.58
CA ASP A 570 13.21 9.27 -29.27
C ASP A 570 13.80 8.11 -28.48
N PHE A 571 13.50 6.89 -28.92
CA PHE A 571 13.97 5.68 -28.23
C PHE A 571 14.23 4.64 -29.30
N SER A 572 15.46 4.16 -29.36
CA SER A 572 15.93 3.37 -30.49
C SER A 572 15.73 1.88 -30.27
N ALA A 573 15.79 1.13 -31.38
CA ALA A 573 15.65 -0.32 -31.32
C ALA A 573 16.71 -0.95 -30.42
N ASP A 574 17.95 -0.48 -30.50
CA ASP A 574 19.01 -1.05 -29.67
C ASP A 574 18.77 -0.75 -28.20
N GLN A 575 18.29 0.45 -27.88
CA GLN A 575 17.89 0.74 -26.50
C GLN A 575 16.78 -0.21 -26.04
N PHE A 576 15.79 -0.43 -26.90
CA PHE A 576 14.68 -1.30 -26.54
C PHE A 576 15.15 -2.74 -26.34
N ASN A 577 15.97 -3.24 -27.26
CA ASN A 577 16.49 -4.59 -27.12
C ASN A 577 17.39 -4.71 -25.90
N THR A 578 18.05 -3.62 -25.49
CA THR A 578 18.88 -3.67 -24.29
C THR A 578 18.05 -3.93 -23.05
N VAL A 579 16.82 -3.41 -23.00
CA VAL A 579 15.98 -3.61 -21.81
C VAL A 579 15.00 -4.77 -21.96
N THR A 580 14.83 -5.35 -23.15
CA THR A 580 13.79 -6.34 -23.36
C THR A 580 14.31 -7.72 -23.75
N SER A 581 15.55 -7.85 -24.22
CA SER A 581 15.99 -9.14 -24.75
C SER A 581 16.28 -10.12 -23.61
N ILE A 582 16.11 -11.41 -23.93
CA ILE A 582 16.28 -12.51 -23.00
C ILE A 582 17.70 -13.05 -23.15
N ASP A 583 18.34 -13.36 -22.03
CA ASP A 583 19.65 -14.01 -22.05
C ASP A 583 19.58 -15.30 -21.25
N LYS A 584 19.88 -16.42 -21.91
CA LYS A 584 19.78 -17.73 -21.25
C LYS A 584 20.73 -17.83 -20.07
N ALA A 585 21.96 -17.32 -20.21
CA ALA A 585 22.91 -17.36 -19.10
C ALA A 585 22.36 -16.66 -17.87
N ALA A 586 21.77 -15.48 -18.05
CA ALA A 586 21.25 -14.72 -16.92
C ALA A 586 20.08 -15.46 -16.27
N TRP A 587 19.25 -16.11 -17.08
CA TRP A 587 18.10 -16.81 -16.51
C TRP A 587 18.47 -18.14 -15.88
N LEU A 588 19.59 -18.75 -16.29
CA LEU A 588 20.10 -19.89 -15.54
C LEU A 588 20.47 -19.48 -14.13
N LYS A 589 21.18 -18.35 -13.99
CA LYS A 589 21.51 -17.83 -12.66
C LYS A 589 20.25 -17.44 -11.90
N GLU A 590 19.27 -16.86 -12.59
CA GLU A 590 18.04 -16.43 -11.93
C GLU A 590 17.28 -17.61 -11.35
N LEU A 591 17.21 -18.73 -12.08
CA LEU A 591 16.52 -19.90 -11.56
C LEU A 591 17.22 -20.47 -10.32
N GLU A 592 18.55 -20.34 -10.24
CA GLU A 592 19.23 -20.73 -9.01
C GLU A 592 18.73 -19.91 -7.83
N LEU A 593 18.48 -18.62 -8.05
CA LEU A 593 17.98 -17.77 -6.99
C LEU A 593 16.53 -18.12 -6.65
N HIS A 594 15.74 -18.50 -7.66
CA HIS A 594 14.40 -19.02 -7.39
C HIS A 594 14.45 -20.26 -6.51
N ALA A 595 15.44 -21.14 -6.77
CA ALA A 595 15.59 -22.34 -5.95
C ALA A 595 15.88 -21.97 -4.50
N GLU A 596 16.72 -20.95 -4.27
CA GLU A 596 16.98 -20.50 -2.90
C GLU A 596 15.70 -19.98 -2.25
N LEU A 597 14.91 -19.20 -2.98
CA LEU A 597 13.64 -18.71 -2.45
C LEU A 597 12.72 -19.88 -2.09
N PHE A 598 12.63 -20.87 -2.97
CA PHE A 598 11.73 -21.99 -2.73
C PHE A 598 12.16 -22.82 -1.53
N LYS A 599 13.46 -22.90 -1.26
CA LYS A 599 13.87 -23.61 -0.05
C LYS A 599 13.48 -22.84 1.21
N GLN A 600 13.55 -21.51 1.16
CA GLN A 600 13.04 -20.71 2.27
C GLN A 600 11.54 -20.84 2.45
N LEU A 601 10.83 -21.36 1.44
CA LEU A 601 9.37 -21.45 1.41
C LEU A 601 8.88 -22.87 1.18
N GLU A 602 9.66 -23.89 1.56
CA GLU A 602 9.41 -25.24 1.05
C GLU A 602 8.06 -25.80 1.50
N HIS A 603 7.61 -25.45 2.70
CA HIS A 603 6.38 -26.01 3.25
C HIS A 603 5.18 -25.62 2.39
N HIS A 604 4.44 -26.63 1.93
CA HIS A 604 3.23 -26.47 1.12
C HIS A 604 3.47 -25.70 -0.18
N LEU A 605 4.68 -25.74 -0.72
CA LEU A 605 4.95 -25.06 -1.99
C LEU A 605 4.20 -25.76 -3.12
N PRO A 606 3.34 -25.07 -3.87
CA PRO A 606 2.49 -25.79 -4.84
C PRO A 606 3.30 -26.46 -5.93
N LYS A 607 2.88 -27.69 -6.28
CA LYS A 607 3.60 -28.45 -7.31
C LYS A 607 3.63 -27.71 -8.64
N GLU A 608 2.61 -26.89 -8.93
CA GLU A 608 2.55 -26.19 -10.21
C GLU A 608 3.70 -25.22 -10.38
N LEU A 609 4.20 -24.65 -9.28
CA LEU A 609 5.37 -23.78 -9.38
C LEU A 609 6.62 -24.57 -9.69
N GLY A 610 6.72 -25.80 -9.20
CA GLY A 610 7.83 -26.65 -9.58
C GLY A 610 7.77 -27.04 -11.04
N GLU A 611 6.56 -27.32 -11.55
CA GLU A 611 6.41 -27.63 -12.96
C GLU A 611 6.75 -26.44 -13.84
N THR A 612 6.42 -25.23 -13.41
CA THR A 612 6.79 -24.05 -14.18
C THR A 612 8.30 -23.88 -14.24
N LYS A 613 8.99 -24.04 -13.11
CA LYS A 613 10.45 -23.92 -13.10
C LYS A 613 11.09 -24.96 -13.99
N ALA A 614 10.62 -26.21 -13.92
CA ALA A 614 11.14 -27.27 -14.78
C ALA A 614 10.91 -26.95 -16.26
N GLU A 615 9.79 -26.32 -16.60
CA GLU A 615 9.53 -25.98 -18.00
C GLU A 615 10.46 -24.86 -18.48
N ILE A 616 10.70 -23.85 -17.65
CA ILE A 616 11.67 -22.82 -17.99
C ILE A 616 13.05 -23.43 -18.21
N GLU A 617 13.46 -24.32 -17.30
CA GLU A 617 14.74 -25.01 -17.44
C GLU A 617 14.79 -25.80 -18.75
N ARG A 618 13.69 -26.45 -19.12
CA ARG A 618 13.66 -27.19 -20.38
C ARG A 618 13.83 -26.27 -21.58
N ARG A 619 13.18 -25.11 -21.55
CA ARG A 619 13.35 -24.17 -22.66
C ARG A 619 14.74 -23.56 -22.68
N LEU A 620 15.37 -23.41 -21.51
CA LEU A 620 16.72 -22.87 -21.47
C LEU A 620 17.73 -23.83 -22.08
N ALA A 621 17.43 -25.13 -22.08
CA ALA A 621 18.35 -26.13 -22.58
C ALA A 621 18.02 -26.61 -23.99
N ALA A 622 16.89 -26.18 -24.55
CA ALA A 622 16.47 -26.62 -25.88
C ALA A 622 17.38 -26.05 -26.96
MN MN B . 1.75 -0.20 0.28
C1 PEG C . -16.05 -7.30 -4.83
O1 PEG C . -16.23 -6.72 -6.11
C2 PEG C . -14.73 -6.94 -4.22
O2 PEG C . -14.81 -7.08 -2.81
C3 PEG C . -14.64 -8.42 -2.38
C4 PEG C . -15.03 -8.55 -0.93
O4 PEG C . -16.22 -9.33 -0.79
#